data_6R6I
#
_entry.id   6R6I
#
_cell.length_a   42.853
_cell.length_b   85.809
_cell.length_c   64.159
_cell.angle_alpha   90.00
_cell.angle_beta   90.00
_cell.angle_gamma   90.00
#
_symmetry.space_group_name_H-M   'P 21 21 2'
#
loop_
_entity.id
_entity.type
_entity.pdbx_description
1 polymer Transthyretin
2 non-polymer "1-(3',4'-dichloro-2-fluorobiphenyl-4-yl)cyclopropanecarboxylic acid"
3 non-polymer 'PHOSPHATE ION'
4 water water
#
_entity_poly.entity_id   1
_entity_poly.type   'polypeptide(L)'
_entity_poly.pdbx_seq_one_letter_code
;MASHRLLLLCLAGLVFVSEAGPTGTGESKCPLMVKVLDAVRGSPTINVAVHVFRKAADDTWEPFASGKTSESGELHGLTT
EEEFVEGIYKVEIDTKSYWKALGISPFHEHAEVVFTANDSGPRRYTIAALLSPYSYSTTAVVTNPKE
;
_entity_poly.pdbx_strand_id   A,B
#
loop_
_chem_comp.id
_chem_comp.type
_chem_comp.name
_chem_comp.formula
H50 non-polymer '1-(3',4'-dichloro-2-fluorobiphenyl-4-yl)cyclopropanecarboxylic acid' 'C16 H11 Cl2 F O2'
PO4 non-polymer 'PHOSPHATE ION' 'O4 P -3'
#
# COMPACT_ATOMS: atom_id res chain seq x y z
N CYS A 30 -6.68 -23.46 -0.74
CA CYS A 30 -6.16 -22.23 -0.17
C CYS A 30 -5.84 -21.22 -1.27
N PRO A 31 -6.86 -20.49 -1.73
CA PRO A 31 -6.66 -19.60 -2.88
C PRO A 31 -5.95 -18.29 -2.55
N LEU A 32 -5.82 -17.93 -1.27
CA LEU A 32 -5.23 -16.65 -0.89
C LEU A 32 -4.34 -16.85 0.32
N MET A 33 -3.07 -16.47 0.19
CA MET A 33 -2.13 -16.63 1.28
C MET A 33 -1.26 -15.37 1.36
N VAL A 34 -0.79 -15.06 2.57
CA VAL A 34 -0.01 -13.86 2.82
C VAL A 34 1.29 -14.27 3.50
N LYS A 35 2.41 -13.72 3.05
CA LYS A 35 3.70 -13.98 3.68
C LYS A 35 4.42 -12.66 3.89
N VAL A 36 4.98 -12.48 5.08
CA VAL A 36 5.52 -11.19 5.51
C VAL A 36 6.92 -11.41 6.07
N LEU A 37 7.86 -10.55 5.65
CA LEU A 37 9.27 -10.64 6.01
C LEU A 37 9.72 -9.31 6.62
N ASP A 38 10.72 -9.40 7.49
CA ASP A 38 11.27 -8.27 8.21
C ASP A 38 12.66 -7.99 7.65
N ALA A 39 12.83 -6.81 7.03
CA ALA A 39 14.09 -6.46 6.38
C ALA A 39 15.12 -5.91 7.36
N VAL A 40 14.75 -5.62 8.59
CA VAL A 40 15.70 -5.10 9.58
C VAL A 40 16.41 -6.24 10.30
N ARG A 41 15.68 -7.30 10.63
CA ARG A 41 16.19 -8.43 11.37
C ARG A 41 16.47 -9.64 10.49
N GLY A 42 15.97 -9.63 9.25
CA GLY A 42 16.17 -10.76 8.36
C GLY A 42 15.45 -12.00 8.86
N SER A 43 14.16 -11.84 9.13
CA SER A 43 13.40 -12.91 9.75
C SER A 43 11.98 -12.83 9.21
N PRO A 44 11.23 -13.93 9.29
CA PRO A 44 9.79 -13.82 9.06
C PRO A 44 9.19 -12.85 10.07
N THR A 45 8.08 -12.23 9.67
CA THR A 45 7.35 -11.33 10.54
C THR A 45 6.30 -12.14 11.29
N ILE A 46 6.50 -12.34 12.59
CA ILE A 46 5.75 -13.31 13.38
C ILE A 46 4.67 -12.59 14.18
N ASN A 47 3.45 -13.15 14.17
CA ASN A 47 2.37 -12.72 15.05
C ASN A 47 1.86 -11.33 14.68
N VAL A 48 1.83 -11.03 13.40
CA VAL A 48 1.29 -9.77 12.91
C VAL A 48 -0.13 -9.98 12.41
N ALA A 49 -1.02 -9.07 12.78
CA ALA A 49 -2.41 -9.15 12.37
C ALA A 49 -2.54 -8.78 10.90
N VAL A 50 -3.35 -9.55 10.19
CA VAL A 50 -3.65 -9.31 8.78
C VAL A 50 -5.16 -9.36 8.64
N HIS A 51 -5.74 -8.31 8.04
CA HIS A 51 -7.17 -8.27 7.77
C HIS A 51 -7.42 -8.20 6.28
N VAL A 52 -8.35 -9.01 5.82
CA VAL A 52 -8.75 -9.00 4.41
C VAL A 52 -10.17 -8.46 4.33
N PHE A 53 -10.39 -7.59 3.36
CA PHE A 53 -11.70 -6.98 3.13
C PHE A 53 -12.10 -7.20 1.67
N ARG A 54 -13.41 -7.23 1.44
CA ARG A 54 -13.96 -7.30 0.09
C ARG A 54 -14.78 -6.04 -0.18
N LYS A 55 -14.65 -5.48 -1.37
CA LYS A 55 -15.40 -4.27 -1.68
C LYS A 55 -16.83 -4.63 -2.03
N ALA A 56 -17.77 -4.00 -1.31
CA ALA A 56 -19.19 -4.28 -1.47
C ALA A 56 -19.77 -3.42 -2.59
N ALA A 57 -21.06 -3.62 -2.89
CA ALA A 57 -21.71 -2.87 -3.96
C ALA A 57 -21.76 -1.39 -3.64
N ASP A 58 -21.98 -1.04 -2.37
CA ASP A 58 -22.05 0.35 -1.93
C ASP A 58 -20.69 1.04 -1.91
N ASP A 59 -19.61 0.33 -2.21
CA ASP A 59 -18.23 0.82 -2.26
C ASP A 59 -17.53 0.92 -0.90
N THR A 60 -18.08 0.34 0.16
CA THR A 60 -17.34 0.24 1.40
C THR A 60 -16.58 -1.08 1.46
N TRP A 61 -15.72 -1.21 2.47
CA TRP A 61 -14.92 -2.41 2.66
C TRP A 61 -15.55 -3.26 3.75
N GLU A 62 -15.97 -4.47 3.38
CA GLU A 62 -16.59 -5.40 4.29
C GLU A 62 -15.56 -6.42 4.76
N PRO A 63 -15.46 -6.65 6.06
CA PRO A 63 -14.55 -7.70 6.57
C PRO A 63 -14.80 -9.02 5.86
N PHE A 64 -13.71 -9.72 5.55
CA PHE A 64 -13.78 -10.95 4.77
C PHE A 64 -13.07 -12.11 5.46
N ALA A 65 -11.86 -11.85 5.99
CA ALA A 65 -11.06 -12.87 6.64
C ALA A 65 -9.94 -12.17 7.40
N SER A 66 -9.43 -12.84 8.44
CA SER A 66 -8.33 -12.24 9.19
C SER A 66 -7.58 -13.31 9.97
N GLY A 67 -6.40 -12.93 10.45
CA GLY A 67 -5.57 -13.85 11.21
C GLY A 67 -4.30 -13.16 11.65
N LYS A 68 -3.40 -13.96 12.22
CA LYS A 68 -2.06 -13.50 12.57
C LYS A 68 -1.04 -14.40 11.91
N THR A 69 0.06 -13.82 11.42
CA THR A 69 1.09 -14.64 10.79
C THR A 69 1.71 -15.62 11.76
N SER A 70 2.14 -16.76 11.21
CA SER A 70 2.73 -17.84 11.97
C SER A 70 4.21 -17.57 12.25
N GLU A 71 4.90 -18.57 12.81
CA GLU A 71 6.33 -18.45 13.07
C GLU A 71 7.14 -18.36 11.79
N SER A 72 6.60 -18.81 10.66
CA SER A 72 7.27 -18.66 9.38
C SER A 72 6.81 -17.42 8.62
N GLY A 73 6.08 -16.52 9.30
CA GLY A 73 5.60 -15.30 8.68
C GLY A 73 4.45 -15.48 7.72
N GLU A 74 3.77 -16.63 7.75
CA GLU A 74 2.76 -16.95 6.76
C GLU A 74 1.39 -17.02 7.42
N LEU A 75 0.37 -16.68 6.65
CA LEU A 75 -1.00 -16.82 7.10
C LEU A 75 -1.73 -17.63 6.04
N HIS A 76 -2.13 -18.85 6.40
CA HIS A 76 -2.82 -19.79 5.53
C HIS A 76 -4.27 -19.90 5.99
N GLY A 77 -5.08 -20.55 5.17
CA GLY A 77 -6.44 -20.85 5.55
C GLY A 77 -7.34 -19.64 5.71
N LEU A 78 -7.03 -18.54 5.00
CA LEU A 78 -7.87 -17.36 5.11
C LEU A 78 -9.26 -17.58 4.53
N THR A 79 -9.34 -18.24 3.38
CA THR A 79 -10.62 -18.39 2.69
C THR A 79 -10.66 -19.73 1.96
N THR A 80 -11.75 -19.95 1.22
CA THR A 80 -11.93 -21.14 0.43
C THR A 80 -12.24 -20.74 -1.00
N GLU A 81 -12.12 -21.71 -1.91
CA GLU A 81 -12.39 -21.44 -3.31
C GLU A 81 -13.84 -20.98 -3.50
N GLU A 82 -14.79 -21.60 -2.79
CA GLU A 82 -16.18 -21.21 -2.95
C GLU A 82 -16.42 -19.77 -2.49
N GLU A 83 -15.74 -19.31 -1.44
CA GLU A 83 -15.99 -17.98 -0.92
C GLU A 83 -15.25 -16.88 -1.68
N PHE A 84 -14.12 -17.22 -2.30
CA PHE A 84 -13.23 -16.22 -2.89
C PHE A 84 -13.62 -15.91 -4.33
N VAL A 85 -14.77 -15.26 -4.48
CA VAL A 85 -15.28 -14.93 -5.81
C VAL A 85 -14.54 -13.73 -6.43
N GLU A 86 -14.73 -13.53 -7.73
CA GLU A 86 -14.15 -12.39 -8.40
C GLU A 86 -14.59 -11.08 -7.73
N GLY A 87 -13.69 -10.12 -7.68
CA GLY A 87 -13.99 -8.84 -7.06
C GLY A 87 -12.72 -8.17 -6.60
N ILE A 88 -12.89 -7.04 -5.93
CA ILE A 88 -11.78 -6.23 -5.42
C ILE A 88 -11.59 -6.54 -3.95
N TYR A 89 -10.35 -6.81 -3.55
CA TYR A 89 -10.02 -7.17 -2.19
C TYR A 89 -8.92 -6.25 -1.69
N LYS A 90 -8.90 -6.05 -0.37
CA LYS A 90 -7.85 -5.29 0.29
C LYS A 90 -7.26 -6.13 1.40
N VAL A 91 -5.94 -6.28 1.40
CA VAL A 91 -5.20 -6.95 2.47
C VAL A 91 -4.50 -5.87 3.27
N GLU A 92 -4.80 -5.79 4.56
CA GLU A 92 -4.22 -4.81 5.46
C GLU A 92 -3.33 -5.55 6.46
N ILE A 93 -2.05 -5.16 6.52
CA ILE A 93 -1.08 -5.75 7.43
C ILE A 93 -0.80 -4.73 8.54
N ASP A 94 -0.99 -5.16 9.79
CA ASP A 94 -0.87 -4.28 10.96
C ASP A 94 0.61 -4.08 11.31
N THR A 95 1.32 -3.40 10.40
CA THR A 95 2.76 -3.20 10.57
C THR A 95 3.09 -2.27 11.74
N LYS A 96 2.22 -1.31 12.03
CA LYS A 96 2.56 -0.37 13.09
C LYS A 96 2.72 -1.08 14.44
N SER A 97 1.79 -1.99 14.76
CA SER A 97 1.88 -2.75 16.01
C SER A 97 3.09 -3.66 16.03
N TYR A 98 3.48 -4.21 14.88
CA TYR A 98 4.66 -5.06 14.82
C TYR A 98 5.91 -4.29 15.21
N TRP A 99 6.13 -3.11 14.60
CA TRP A 99 7.33 -2.33 14.91
C TRP A 99 7.29 -1.83 16.35
N LYS A 100 6.12 -1.42 16.84
CA LYS A 100 6.04 -0.91 18.19
C LYS A 100 6.38 -1.98 19.21
N ALA A 101 5.99 -3.22 18.95
CA ALA A 101 6.32 -4.32 19.85
C ALA A 101 7.82 -4.56 19.91
N LEU A 102 8.54 -4.19 18.85
CA LEU A 102 9.99 -4.30 18.81
C LEU A 102 10.68 -3.05 19.35
N GLY A 103 9.93 -2.08 19.84
CA GLY A 103 10.52 -0.83 20.30
C GLY A 103 11.02 0.06 19.19
N ILE A 104 10.45 -0.06 18.00
CA ILE A 104 10.91 0.67 16.82
C ILE A 104 9.79 1.59 16.35
N SER A 105 10.15 2.83 16.03
CA SER A 105 9.18 3.84 15.62
C SER A 105 8.89 3.71 14.13
N PRO A 106 7.67 3.37 13.73
CA PRO A 106 7.40 3.16 12.30
C PRO A 106 6.79 4.37 11.61
N PHE A 107 6.86 4.40 10.29
CA PHE A 107 6.25 5.48 9.50
C PHE A 107 4.78 5.22 9.20
N HIS A 108 4.45 4.01 8.75
CA HIS A 108 3.12 3.75 8.21
C HIS A 108 2.14 3.33 9.30
N GLU A 109 0.86 3.69 9.10
CA GLU A 109 -0.20 3.16 9.95
C GLU A 109 -0.38 1.67 9.72
N HIS A 110 -0.25 1.22 8.48
CA HIS A 110 -0.34 -0.18 8.10
C HIS A 110 0.17 -0.27 6.69
N ALA A 111 0.30 -1.49 6.18
CA ALA A 111 0.58 -1.73 4.78
C ALA A 111 -0.71 -2.25 4.15
N GLU A 112 -1.06 -1.74 2.98
CA GLU A 112 -2.31 -2.14 2.34
C GLU A 112 -2.01 -2.62 0.92
N VAL A 113 -2.71 -3.67 0.50
CA VAL A 113 -2.57 -4.21 -0.84
C VAL A 113 -3.97 -4.38 -1.39
N VAL A 114 -4.28 -3.68 -2.49
CA VAL A 114 -5.63 -3.67 -3.07
C VAL A 114 -5.54 -4.22 -4.48
N PHE A 115 -6.36 -5.22 -4.80
CA PHE A 115 -6.25 -5.91 -6.08
C PHE A 115 -7.58 -6.54 -6.45
N THR A 116 -7.73 -6.85 -7.74
CA THR A 116 -8.87 -7.59 -8.26
C THR A 116 -8.51 -9.06 -8.38
N ALA A 117 -9.38 -9.93 -7.86
CA ALA A 117 -9.28 -11.36 -8.12
C ALA A 117 -10.07 -11.67 -9.38
N ASN A 118 -9.46 -12.39 -10.31
CA ASN A 118 -10.19 -12.81 -11.49
C ASN A 118 -10.06 -14.31 -11.69
N ASP A 119 -11.05 -14.88 -12.38
CA ASP A 119 -11.05 -16.32 -12.61
C ASP A 119 -10.26 -16.72 -13.84
N SER A 120 -10.01 -15.80 -14.76
CA SER A 120 -9.11 -16.07 -15.87
C SER A 120 -7.66 -16.14 -15.44
N GLY A 121 -7.37 -15.88 -14.16
CA GLY A 121 -6.01 -15.90 -13.66
C GLY A 121 -5.67 -17.22 -12.98
N PRO A 122 -4.38 -17.44 -12.75
CA PRO A 122 -3.93 -18.69 -12.12
C PRO A 122 -4.31 -18.83 -10.65
N ARG A 123 -5.62 -18.90 -10.37
CA ARG A 123 -6.23 -19.51 -9.18
C ARG A 123 -5.65 -19.22 -7.79
N ARG A 124 -4.34 -19.34 -7.58
CA ARG A 124 -3.76 -19.20 -6.26
C ARG A 124 -3.00 -17.89 -6.15
N TYR A 125 -3.28 -17.12 -5.10
CA TYR A 125 -2.72 -15.80 -4.90
C TYR A 125 -1.88 -15.81 -3.64
N THR A 126 -0.59 -15.50 -3.77
CA THR A 126 0.24 -15.20 -2.60
C THR A 126 0.56 -13.72 -2.61
N ILE A 127 0.22 -13.03 -1.53
CA ILE A 127 0.58 -11.64 -1.33
C ILE A 127 1.81 -11.65 -0.43
N ALA A 128 2.92 -11.18 -0.94
CA ALA A 128 4.16 -11.14 -0.18
C ALA A 128 4.53 -9.69 0.12
N ALA A 129 5.03 -9.46 1.33
CA ALA A 129 5.44 -8.12 1.74
C ALA A 129 6.75 -8.18 2.52
N LEU A 130 7.60 -7.19 2.27
CA LEU A 130 8.88 -7.05 2.95
C LEU A 130 8.85 -5.71 3.67
N LEU A 131 9.07 -5.74 4.98
CA LEU A 131 8.80 -4.58 5.83
C LEU A 131 10.08 -3.97 6.37
N SER A 132 10.14 -2.64 6.34
CA SER A 132 11.13 -1.82 7.03
C SER A 132 10.38 -0.71 7.74
N PRO A 133 11.02 -0.04 8.71
CA PRO A 133 10.28 0.98 9.47
C PRO A 133 9.74 2.11 8.62
N TYR A 134 10.46 2.52 7.56
CA TYR A 134 10.00 3.62 6.70
C TYR A 134 9.67 3.18 5.29
N SER A 135 9.57 1.88 5.02
CA SER A 135 9.37 1.42 3.67
CA SER A 135 9.36 1.42 3.67
C SER A 135 8.70 0.05 3.70
N TYR A 136 7.98 -0.26 2.63
CA TYR A 136 7.57 -1.64 2.41
C TYR A 136 7.52 -1.93 0.92
N SER A 137 7.75 -3.18 0.58
CA SER A 137 7.62 -3.67 -0.78
C SER A 137 6.60 -4.78 -0.76
N THR A 138 5.81 -4.89 -1.83
CA THR A 138 4.87 -5.98 -1.90
C THR A 138 4.81 -6.50 -3.33
N THR A 139 4.63 -7.81 -3.46
CA THR A 139 4.50 -8.42 -4.77
C THR A 139 3.43 -9.50 -4.68
N ALA A 140 2.92 -9.87 -5.83
CA ALA A 140 1.94 -10.94 -5.93
C ALA A 140 2.54 -12.09 -6.71
N VAL A 141 2.32 -13.31 -6.21
CA VAL A 141 2.69 -14.53 -6.90
C VAL A 141 1.39 -15.25 -7.21
N VAL A 142 1.07 -15.38 -8.49
CA VAL A 142 -0.21 -15.92 -8.93
C VAL A 142 0.09 -17.12 -9.81
N THR A 143 -0.29 -18.32 -9.36
CA THR A 143 0.18 -19.55 -10.03
C THR A 143 -0.86 -20.65 -9.98
N ASN A 144 -0.67 -21.62 -10.90
CA ASN A 144 -1.05 -23.03 -10.80
C ASN A 144 -2.46 -23.35 -11.27
N PRO A 145 -2.73 -24.59 -11.71
CA PRO A 145 -4.12 -25.02 -11.86
C PRO A 145 -4.70 -25.60 -10.57
N CYS B 30 7.41 23.31 0.16
CA CYS B 30 6.67 22.16 -0.34
C CYS B 30 6.78 20.99 0.64
N PRO B 31 5.77 20.86 1.51
CA PRO B 31 5.86 19.89 2.60
C PRO B 31 5.51 18.46 2.21
N LEU B 32 4.91 18.23 1.04
CA LEU B 32 4.54 16.88 0.63
C LEU B 32 4.84 16.72 -0.85
N MET B 33 5.75 15.80 -1.19
CA MET B 33 6.11 15.53 -2.57
C MET B 33 6.08 14.04 -2.84
N VAL B 34 5.82 13.66 -4.09
CA VAL B 34 5.74 12.25 -4.49
C VAL B 34 6.64 12.06 -5.70
N LYS B 35 7.48 11.03 -5.67
CA LYS B 35 8.36 10.73 -6.81
C LYS B 35 8.23 9.25 -7.14
N VAL B 36 8.04 8.94 -8.42
CA VAL B 36 7.71 7.59 -8.84
C VAL B 36 8.61 7.17 -10.00
N LEU B 37 9.14 5.95 -9.92
CA LEU B 37 10.00 5.37 -10.95
C LEU B 37 9.38 4.09 -11.51
N ASP B 38 9.74 3.77 -12.75
CA ASP B 38 9.22 2.63 -13.49
C ASP B 38 10.33 1.58 -13.58
N ALA B 39 10.13 0.43 -12.95
CA ALA B 39 11.13 -0.62 -12.91
C ALA B 39 11.19 -1.45 -14.17
N VAL B 40 10.24 -1.29 -15.09
CA VAL B 40 10.23 -2.07 -16.33
C VAL B 40 11.00 -1.35 -17.42
N ARG B 41 10.84 -0.04 -17.49
CA ARG B 41 11.43 0.75 -18.55
C ARG B 41 12.64 1.54 -18.08
N GLY B 42 12.89 1.62 -16.76
CA GLY B 42 14.07 2.30 -16.27
C GLY B 42 13.97 3.78 -16.52
N SER B 43 12.86 4.35 -16.10
CA SER B 43 12.55 5.75 -16.39
C SER B 43 11.67 6.27 -15.27
N PRO B 44 11.52 7.59 -15.18
CA PRO B 44 10.48 8.13 -14.31
C PRO B 44 9.11 7.67 -14.78
N THR B 45 8.19 7.56 -13.83
CA THR B 45 6.80 7.27 -14.12
C THR B 45 6.10 8.59 -14.43
N ILE B 46 5.73 8.78 -15.68
CA ILE B 46 5.21 10.06 -16.16
C ILE B 46 3.69 9.99 -16.16
N ASN B 47 3.06 11.05 -15.66
CA ASN B 47 1.61 11.24 -15.80
C ASN B 47 0.80 10.20 -15.01
N VAL B 48 1.31 9.80 -13.85
CA VAL B 48 0.52 8.96 -12.95
C VAL B 48 -0.26 9.86 -12.01
N ALA B 49 -1.54 9.56 -11.86
CA ALA B 49 -2.41 10.36 -11.00
C ALA B 49 -2.16 10.00 -9.55
N VAL B 50 -2.20 10.99 -8.67
CA VAL B 50 -1.98 10.80 -7.24
C VAL B 50 -3.10 11.54 -6.51
N HIS B 51 -3.77 10.87 -5.58
CA HIS B 51 -4.80 11.48 -4.76
C HIS B 51 -4.41 11.36 -3.30
N VAL B 52 -4.51 12.47 -2.57
CA VAL B 52 -4.18 12.49 -1.16
C VAL B 52 -5.48 12.68 -0.38
N PHE B 53 -5.63 11.92 0.69
CA PHE B 53 -6.78 12.01 1.58
C PHE B 53 -6.31 12.23 3.01
N ARG B 54 -7.18 12.83 3.82
CA ARG B 54 -6.91 13.03 5.24
C ARG B 54 -8.07 12.47 6.05
N LYS B 55 -7.76 11.71 7.09
CA LYS B 55 -8.82 11.09 7.89
C LYS B 55 -9.56 12.14 8.71
N ALA B 56 -10.88 12.19 8.57
CA ALA B 56 -11.69 13.14 9.30
C ALA B 56 -12.07 12.60 10.67
N ALA B 57 -12.77 13.43 11.45
CA ALA B 57 -13.17 13.04 12.79
C ALA B 57 -14.08 11.81 12.76
N ASP B 58 -14.94 11.70 11.77
CA ASP B 58 -15.81 10.52 11.66
C ASP B 58 -15.10 9.31 11.07
N ASP B 59 -13.78 9.39 10.87
CA ASP B 59 -12.94 8.31 10.37
C ASP B 59 -13.13 8.02 8.89
N THR B 60 -13.80 8.90 8.15
CA THR B 60 -13.83 8.78 6.70
C THR B 60 -12.61 9.48 6.11
N TRP B 61 -12.34 9.16 4.84
CA TRP B 61 -11.21 9.74 4.11
C TRP B 61 -11.68 10.96 3.33
N GLU B 62 -11.28 12.13 3.78
CA GLU B 62 -11.69 13.37 3.12
C GLU B 62 -10.68 13.72 2.04
N PRO B 63 -11.10 14.01 0.81
CA PRO B 63 -10.13 14.43 -0.21
C PRO B 63 -9.35 15.65 0.25
N PHE B 64 -8.04 15.59 0.07
CA PHE B 64 -7.14 16.63 0.55
C PHE B 64 -6.38 17.33 -0.58
N ALA B 65 -5.86 16.59 -1.54
CA ALA B 65 -5.16 17.19 -2.67
C ALA B 65 -5.00 16.13 -3.75
N SER B 66 -4.74 16.57 -4.99
CA SER B 66 -4.45 15.60 -6.05
C SER B 66 -3.61 16.26 -7.15
N GLY B 67 -3.01 15.43 -7.98
CA GLY B 67 -2.18 15.91 -9.07
C GLY B 67 -1.67 14.76 -9.90
N LYS B 68 -0.78 15.06 -10.85
CA LYS B 68 -0.18 14.05 -11.73
C LYS B 68 1.33 14.24 -11.73
N THR B 69 2.08 13.15 -11.88
CA THR B 69 3.54 13.30 -11.95
C THR B 69 3.96 13.91 -13.27
N SER B 70 5.06 14.66 -13.21
CA SER B 70 5.65 15.34 -14.35
C SER B 70 6.53 14.37 -15.15
N GLU B 71 7.20 14.90 -16.17
CA GLU B 71 8.12 14.10 -16.97
C GLU B 71 9.30 13.59 -16.17
N SER B 72 9.65 14.24 -15.05
CA SER B 72 10.67 13.74 -14.16
C SER B 72 10.13 12.74 -13.14
N GLY B 73 8.85 12.38 -13.23
CA GLY B 73 8.26 11.49 -12.27
C GLY B 73 7.90 12.10 -10.93
N GLU B 74 7.94 13.43 -10.83
CA GLU B 74 7.74 14.11 -9.56
C GLU B 74 6.42 14.86 -9.56
N LEU B 75 5.84 14.98 -8.38
CA LEU B 75 4.62 15.75 -8.18
C LEU B 75 4.90 16.70 -7.03
N HIS B 76 4.98 17.98 -7.36
CA HIS B 76 5.16 19.07 -6.40
C HIS B 76 3.86 19.88 -6.30
N GLY B 77 3.80 20.71 -5.26
CA GLY B 77 2.71 21.66 -5.17
C GLY B 77 1.39 21.10 -4.70
N LEU B 78 1.39 19.97 -4.00
CA LEU B 78 0.13 19.38 -3.56
C LEU B 78 -0.53 20.21 -2.47
N THR B 79 0.25 20.75 -1.54
CA THR B 79 -0.32 21.42 -0.38
C THR B 79 0.65 22.50 0.09
N THR B 80 0.27 23.20 1.16
CA THR B 80 1.08 24.24 1.77
C THR B 80 1.32 23.87 3.22
N GLU B 81 2.31 24.52 3.84
CA GLU B 81 2.56 24.26 5.25
C GLU B 81 1.34 24.61 6.10
N GLU B 82 0.61 25.67 5.74
CA GLU B 82 -0.55 26.07 6.54
C GLU B 82 -1.66 25.03 6.44
N GLU B 83 -1.88 24.47 5.25
CA GLU B 83 -2.96 23.52 5.04
C GLU B 83 -2.62 22.13 5.54
N PHE B 84 -1.33 21.78 5.59
CA PHE B 84 -0.87 20.41 5.88
C PHE B 84 -0.72 20.24 7.40
N VAL B 85 -1.87 20.19 8.08
CA VAL B 85 -1.91 20.13 9.54
C VAL B 85 -1.65 18.70 9.99
N GLU B 86 -1.62 18.47 11.29
CA GLU B 86 -1.53 17.12 11.83
CA GLU B 86 -1.53 17.12 11.83
C GLU B 86 -2.71 16.29 11.37
N GLY B 87 -2.44 15.02 11.12
CA GLY B 87 -3.51 14.09 10.80
C GLY B 87 -2.93 12.81 10.24
N ILE B 88 -3.85 11.90 9.92
CA ILE B 88 -3.51 10.67 9.23
C ILE B 88 -3.83 10.88 7.77
N TYR B 89 -2.84 10.71 6.91
CA TYR B 89 -2.98 10.97 5.48
C TYR B 89 -2.82 9.68 4.71
N LYS B 90 -3.49 9.61 3.56
CA LYS B 90 -3.37 8.49 2.64
C LYS B 90 -2.98 9.04 1.29
N VAL B 91 -1.86 8.57 0.76
CA VAL B 91 -1.40 8.93 -0.58
C VAL B 91 -1.69 7.74 -1.48
N GLU B 92 -2.58 7.92 -2.45
CA GLU B 92 -2.98 6.85 -3.36
C GLU B 92 -2.36 7.15 -4.73
N ILE B 93 -1.55 6.22 -5.22
CA ILE B 93 -0.91 6.35 -6.52
C ILE B 93 -1.67 5.46 -7.49
N ASP B 94 -2.24 6.05 -8.54
CA ASP B 94 -3.15 5.31 -9.42
C ASP B 94 -2.36 4.51 -10.46
N THR B 95 -1.74 3.43 -9.97
CA THR B 95 -0.85 2.61 -10.79
C THR B 95 -1.61 1.81 -11.85
N LYS B 96 -2.86 1.42 -11.56
CA LYS B 96 -3.58 0.64 -12.57
C LYS B 96 -3.81 1.45 -13.84
N SER B 97 -4.23 2.72 -13.70
CA SER B 97 -4.41 3.57 -14.88
C SER B 97 -3.11 3.75 -15.65
N TYR B 98 -1.99 3.83 -14.93
CA TYR B 98 -0.68 4.00 -15.59
C TYR B 98 -0.33 2.79 -16.44
N TRP B 99 -0.45 1.58 -15.87
CA TRP B 99 -0.10 0.38 -16.62
C TRP B 99 -1.09 0.13 -17.75
N LYS B 100 -2.39 0.32 -17.48
CA LYS B 100 -3.40 0.08 -18.52
C LYS B 100 -3.20 1.00 -19.71
N ALA B 101 -2.73 2.23 -19.46
CA ALA B 101 -2.50 3.16 -20.55
C ALA B 101 -1.29 2.77 -21.40
N LEU B 102 -0.41 1.94 -20.86
CA LEU B 102 0.72 1.39 -21.61
C LEU B 102 0.43 0.02 -22.19
N GLY B 103 -0.82 -0.43 -22.12
CA GLY B 103 -1.20 -1.72 -22.68
C GLY B 103 -0.83 -2.91 -21.83
N ILE B 104 -0.72 -2.74 -20.52
CA ILE B 104 -0.35 -3.80 -19.60
C ILE B 104 -1.47 -3.98 -18.59
N SER B 105 -1.77 -5.22 -18.24
CA SER B 105 -2.76 -5.50 -17.21
C SER B 105 -2.04 -5.75 -15.90
N PRO B 106 -2.09 -4.82 -14.94
CA PRO B 106 -1.34 -4.98 -13.69
C PRO B 106 -2.18 -5.68 -12.62
N PHE B 107 -1.50 -5.98 -11.50
CA PHE B 107 -2.16 -6.71 -10.42
C PHE B 107 -2.95 -5.79 -9.48
N HIS B 108 -2.34 -4.70 -9.04
CA HIS B 108 -2.91 -3.86 -7.99
C HIS B 108 -3.87 -2.82 -8.56
N GLU B 109 -4.83 -2.41 -7.73
CA GLU B 109 -5.69 -1.30 -8.11
C GLU B 109 -4.93 0.01 -8.03
N HIS B 110 -4.08 0.15 -7.03
CA HIS B 110 -3.32 1.37 -6.79
C HIS B 110 -2.26 0.99 -5.76
N ALA B 111 -1.39 1.94 -5.46
CA ALA B 111 -0.42 1.79 -4.39
C ALA B 111 -0.79 2.83 -3.36
N GLU B 112 -0.89 2.42 -2.10
CA GLU B 112 -1.37 3.32 -1.06
C GLU B 112 -0.31 3.43 0.01
N VAL B 113 -0.19 4.61 0.58
CA VAL B 113 0.73 4.88 1.66
C VAL B 113 -0.03 5.66 2.71
N VAL B 114 -0.19 5.10 3.91
CA VAL B 114 -0.97 5.70 4.98
C VAL B 114 -0.06 6.00 6.17
N PHE B 115 -0.07 7.24 6.65
CA PHE B 115 0.88 7.63 7.68
C PHE B 115 0.35 8.82 8.47
N THR B 116 0.74 8.89 9.73
CA THR B 116 0.53 10.09 10.53
C THR B 116 1.58 11.13 10.17
N ALA B 117 1.14 12.38 9.95
CA ALA B 117 2.04 13.46 9.59
C ALA B 117 1.96 14.61 10.59
N ASN B 118 3.10 15.26 10.80
CA ASN B 118 3.22 16.51 11.54
C ASN B 118 2.86 16.40 13.01
N ASP B 119 2.91 15.20 13.58
CA ASP B 119 2.50 15.02 14.98
C ASP B 119 3.55 15.52 15.97
N SER B 120 4.76 15.83 15.51
CA SER B 120 5.79 16.49 16.31
C SER B 120 6.21 17.80 15.67
N GLY B 121 5.24 18.51 15.09
CA GLY B 121 5.54 19.73 14.41
C GLY B 121 5.68 19.50 12.92
N PRO B 122 5.77 20.58 12.15
CA PRO B 122 5.87 20.44 10.69
C PRO B 122 7.12 19.67 10.26
N ARG B 123 6.91 18.73 9.34
CA ARG B 123 7.99 18.04 8.66
C ARG B 123 7.72 18.10 7.16
N ARG B 124 8.75 17.79 6.39
CA ARG B 124 8.65 17.68 4.94
C ARG B 124 8.75 16.21 4.56
N TYR B 125 7.80 15.74 3.74
CA TYR B 125 7.68 14.33 3.40
C TYR B 125 7.84 14.16 1.90
N THR B 126 8.73 13.23 1.51
CA THR B 126 8.78 12.72 0.15
C THR B 126 8.37 11.26 0.19
N ILE B 127 7.34 10.92 -0.58
CA ILE B 127 6.92 9.53 -0.76
C ILE B 127 7.49 9.08 -2.10
N ALA B 128 8.40 8.11 -2.03
CA ALA B 128 9.05 7.58 -3.21
C ALA B 128 8.49 6.21 -3.49
N ALA B 129 8.30 5.89 -4.77
CA ALA B 129 7.71 4.62 -5.14
C ALA B 129 8.39 4.08 -6.40
N LEU B 130 8.49 2.77 -6.48
CA LEU B 130 9.06 2.05 -7.62
C LEU B 130 8.03 1.03 -8.05
N LEU B 131 7.65 1.05 -9.34
CA LEU B 131 6.51 0.29 -9.83
C LEU B 131 6.91 -0.79 -10.84
N SER B 132 6.32 -1.97 -10.67
CA SER B 132 6.32 -3.06 -11.63
C SER B 132 4.87 -3.51 -11.79
N PRO B 133 4.53 -4.23 -12.86
CA PRO B 133 3.12 -4.61 -13.03
C PRO B 133 2.53 -5.42 -11.88
N TYR B 134 3.32 -6.29 -11.24
CA TYR B 134 2.83 -7.13 -10.15
C TYR B 134 3.46 -6.79 -8.80
N SER B 135 4.11 -5.63 -8.69
CA SER B 135 4.83 -5.31 -7.46
C SER B 135 5.03 -3.81 -7.33
N TYR B 136 5.09 -3.32 -6.10
CA TYR B 136 5.57 -1.97 -5.89
C TYR B 136 6.33 -1.89 -4.57
N SER B 137 7.23 -0.92 -4.49
CA SER B 137 7.91 -0.60 -3.26
C SER B 137 7.70 0.87 -2.98
N THR B 138 7.61 1.22 -1.71
CA THR B 138 7.48 2.62 -1.35
C THR B 138 8.35 2.90 -0.14
N THR B 139 8.92 4.09 -0.08
CA THR B 139 9.67 4.52 1.07
C THR B 139 9.35 5.99 1.34
N ALA B 140 9.63 6.44 2.55
CA ALA B 140 9.39 7.83 2.93
C ALA B 140 10.72 8.50 3.32
N VAL B 141 10.91 9.74 2.88
CA VAL B 141 12.03 10.57 3.32
C VAL B 141 11.43 11.72 4.09
N VAL B 142 11.74 11.81 5.37
CA VAL B 142 11.15 12.80 6.26
C VAL B 142 12.27 13.70 6.77
N THR B 143 12.13 15.00 6.55
CA THR B 143 13.16 15.96 6.92
C THR B 143 12.60 17.04 7.83
N ASN B 144 13.56 17.77 8.43
CA ASN B 144 13.50 18.65 9.61
C ASN B 144 12.22 18.84 10.43
CAL H50 C . 10.39 -17.17 0.14
CAM H50 C . 9.57 -16.74 1.34
CAU H50 C . 9.11 -16.36 -0.05
CAN H50 C . 7.90 -17.09 -0.65
OAB H50 C . 7.74 -18.28 -0.31
OAA H50 C . 7.18 -16.44 -1.44
CAS H50 C . 9.32 -14.91 -0.44
CAJ H50 C . 10.39 -14.67 -1.28
CAO H50 C . 10.69 -13.38 -1.65
FAC H50 C . 11.72 -13.24 -2.51
CAH H50 C . 8.53 -13.88 0.02
CAI H50 C . 8.82 -12.58 -0.39
CAT H50 C . 9.86 -12.33 -1.28
CAR H50 C . 10.14 -11.01 -1.57
CAK H50 C . 9.13 -10.09 -1.45
CAQ H50 C . 9.37 -8.77 -1.76
CL1 H50 C . 8.09 -7.66 -1.56
CAP H50 C . 10.60 -8.35 -2.23
CL2 H50 C . 10.88 -6.69 -2.62
CAF H50 C . 11.62 -9.28 -2.39
CAG H50 C . 11.37 -10.60 -2.10
CAL H50 D . 16.51 9.33 -7.65
CAM H50 D . 15.16 9.51 -8.34
CAU H50 D . 15.23 9.39 -6.81
CAN H50 D . 15.02 10.65 -5.96
OAB H50 D . 14.52 10.49 -4.83
OAA H50 D . 15.39 11.73 -6.46
CAS H50 D . 14.78 8.07 -6.21
CAJ H50 D . 15.78 7.24 -5.75
CAO H50 D . 15.47 5.99 -5.25
FAC H50 D . 16.51 5.28 -4.77
CAH H50 D . 13.45 7.67 -6.15
CAI H50 D . 13.15 6.42 -5.60
CAT H50 D . 14.16 5.62 -5.04
CAR H50 D . 13.78 4.34 -4.66
CAK H50 D . 12.57 4.12 -4.06
CAQ H50 D . 12.24 2.83 -3.67
CL1 H50 D . 10.72 2.57 -2.95
CAP H50 D . 13.11 1.77 -3.85
CL2 H50 D . 12.69 0.17 -3.37
CAF H50 D . 14.35 2.00 -4.42
CAG H50 D . 14.69 3.29 -4.77
P PO4 E . -10.15 2.91 -2.05
O1 PO4 E . -9.01 1.96 -1.79
O2 PO4 E . -10.95 3.11 -0.77
O3 PO4 E . -11.04 2.36 -3.13
O4 PO4 E . -9.59 4.25 -2.48
P PO4 F . -8.80 2.74 6.64
O1 PO4 F . -8.88 1.81 7.83
O2 PO4 F . -9.88 2.39 5.64
O3 PO4 F . -7.44 2.59 5.99
O4 PO4 F . -8.99 4.16 7.11
#